data_6XOJ
#
_entry.id   6XOJ
#
_cell.length_a   62.103
_cell.length_b   62.103
_cell.length_c   168.083
_cell.angle_alpha   90.000
_cell.angle_beta   90.000
_cell.angle_gamma   90.000
#
_symmetry.space_group_name_H-M   'P 43 21 2'
#
loop_
_entity.id
_entity.type
_entity.pdbx_description
1 polymer 'ScoE protein'
2 non-polymer '(3~{R})-3-(2-hydroxy-2-oxoethylamino)butanoic acid'
3 non-polymer '2-OXOGLUTARIC ACID'
4 non-polymer 'ACETATE ION'
5 non-polymer 'FE (III) ION'
6 water water
#
_entity_poly.entity_id   1
_entity_poly.type   'polypeptide(L)'
_entity_poly.pdbx_seq_one_letter_code
;MKETAAAKFERQHMDSPDLGTGGGSGIEGRMQIDEQPGNAIGAAVEGFDHATASDADIDALKSTIYTKKIAVLKGQDLSP
QQFLALGKRLGRPEAYYEPMYQHPEVTEIFVSSNVPENGKQIGVPKTGKFWHADYQFMPDPFGITLIYPQVIPEKNRGTY
FIDMGRAYDRLPEDLKKEISGTYCRHSVRKYFKIRPHDVYRPISEIIEEVERKTPAVVQPTTFTHPMTGETVLYISEGFT
VGIEDQDGKPLDEELLKRLFDATGQLDESFEHDNIHLQSFEQGDLLVWDNRSLIHRARHTTTPEPTVSYRVTVHDERKLH
DGIQAA
;
_entity_poly.pdbx_strand_id   A
#
# COMPACT_ATOMS: atom_id res chain seq x y z
N GLU A 28 20.52 9.35 -18.60
CA GLU A 28 21.05 9.70 -17.29
C GLU A 28 21.86 10.97 -17.33
N GLY A 29 22.65 11.19 -16.27
CA GLY A 29 23.45 12.38 -16.17
C GLY A 29 23.29 13.13 -14.86
N ARG A 30 22.14 13.02 -14.20
CA ARG A 30 21.98 13.80 -12.98
C ARG A 30 20.94 13.31 -11.96
N MET A 31 20.36 12.11 -12.11
CA MET A 31 19.60 11.56 -10.99
C MET A 31 20.54 11.32 -9.83
N GLN A 32 20.16 11.79 -8.64
CA GLN A 32 20.97 11.63 -7.44
C GLN A 32 20.10 11.07 -6.32
N ILE A 33 20.44 9.89 -5.84
CA ILE A 33 19.72 9.24 -4.75
C ILE A 33 20.45 9.47 -3.44
N ASP A 34 19.76 9.99 -2.43
CA ASP A 34 20.31 10.22 -1.10
C ASP A 34 19.55 9.32 -0.13
N GLU A 35 20.13 8.18 0.20
CA GLU A 35 19.49 7.23 1.11
C GLU A 35 19.72 7.64 2.55
N GLN A 36 18.68 7.46 3.38
CA GLN A 36 18.85 7.69 4.81
C GLN A 36 19.90 6.72 5.35
N PRO A 37 20.67 7.15 6.36
CA PRO A 37 21.80 6.33 6.81
C PRO A 37 21.36 5.10 7.59
N GLY A 38 22.08 4.01 7.37
CA GLY A 38 21.93 2.83 8.21
C GLY A 38 20.59 2.16 8.01
N ASN A 39 19.90 1.89 9.11
CA ASN A 39 18.62 1.20 9.10
C ASN A 39 17.45 2.15 8.98
N ALA A 40 17.68 3.46 8.95
CA ALA A 40 16.58 4.41 8.89
C ALA A 40 15.88 4.31 7.55
N ILE A 41 14.55 4.27 7.59
CA ILE A 41 13.77 4.13 6.37
C ILE A 41 13.91 5.38 5.51
N GLY A 42 13.88 5.18 4.19
CA GLY A 42 13.59 6.27 3.29
C GLY A 42 14.81 6.73 2.47
N ALA A 43 14.50 7.44 1.39
CA ALA A 43 15.50 8.04 0.52
C ALA A 43 14.84 9.19 -0.21
N ALA A 44 15.65 10.19 -0.58
CA ALA A 44 15.20 11.29 -1.41
C ALA A 44 15.95 11.23 -2.73
N VAL A 45 15.25 11.55 -3.81
CA VAL A 45 15.80 11.43 -5.17
C VAL A 45 15.67 12.77 -5.87
N GLU A 46 16.80 13.36 -6.22
CA GLU A 46 16.84 14.63 -6.92
C GLU A 46 17.18 14.41 -8.39
N GLY A 47 16.70 15.30 -9.24
CA GLY A 47 17.08 15.25 -10.64
C GLY A 47 16.52 14.09 -11.41
N PHE A 48 15.42 13.49 -10.97
CA PHE A 48 14.83 12.37 -11.68
C PHE A 48 13.90 12.88 -12.78
N ASP A 49 14.19 12.49 -14.01
CA ASP A 49 13.34 12.77 -15.17
C ASP A 49 13.00 11.42 -15.80
N HIS A 50 11.76 10.99 -15.64
CA HIS A 50 11.38 9.67 -16.13
C HIS A 50 11.52 9.54 -17.64
N ALA A 51 11.51 10.65 -18.38
CA ALA A 51 11.63 10.57 -19.84
C ALA A 51 13.06 10.35 -20.29
N THR A 52 14.05 10.66 -19.45
CA THR A 52 15.44 10.59 -19.87
C THR A 52 16.32 9.69 -19.01
N ALA A 53 15.82 9.21 -17.88
CA ALA A 53 16.64 8.37 -17.01
C ALA A 53 17.13 7.14 -17.77
N SER A 54 18.38 6.74 -17.48
CA SER A 54 18.98 5.58 -18.12
C SER A 54 18.43 4.30 -17.50
N ASP A 55 18.75 3.16 -18.13
CA ASP A 55 18.37 1.88 -17.55
C ASP A 55 19.06 1.67 -16.21
N ALA A 56 20.32 2.09 -16.09
CA ALA A 56 21.02 1.97 -14.82
C ALA A 56 20.39 2.86 -13.75
N ASP A 57 19.90 4.04 -14.14
CA ASP A 57 19.19 4.91 -13.20
C ASP A 57 17.96 4.21 -12.66
N ILE A 58 17.18 3.59 -13.54
CA ILE A 58 15.97 2.90 -13.11
C ILE A 58 16.31 1.74 -12.19
N ASP A 59 17.34 0.95 -12.53
CA ASP A 59 17.71 -0.16 -11.69
C ASP A 59 18.17 0.32 -10.32
N ALA A 60 18.88 1.44 -10.27
CA ALA A 60 19.32 1.98 -8.99
C ALA A 60 18.15 2.49 -8.17
N LEU A 61 17.19 3.14 -8.82
CA LEU A 61 16.00 3.60 -8.10
C LEU A 61 15.21 2.40 -7.55
N LYS A 62 15.05 1.34 -8.35
CA LYS A 62 14.33 0.17 -7.86
C LYS A 62 15.04 -0.46 -6.67
N SER A 63 16.37 -0.57 -6.75
N SER A 63 16.37 -0.57 -6.75
CA SER A 63 17.10 -1.10 -5.60
CA SER A 63 17.13 -1.10 -5.62
C SER A 63 16.88 -0.27 -4.35
C SER A 63 16.91 -0.26 -4.36
N THR A 64 16.86 1.06 -4.51
CA THR A 64 16.57 1.94 -3.38
C THR A 64 15.18 1.69 -2.81
N ILE A 65 14.19 1.49 -3.69
CA ILE A 65 12.84 1.19 -3.25
C ILE A 65 12.81 -0.10 -2.41
N TYR A 66 13.47 -1.16 -2.89
CA TYR A 66 13.38 -2.42 -2.16
C TYR A 66 14.17 -2.40 -0.85
N THR A 67 15.21 -1.58 -0.76
CA THR A 67 16.08 -1.59 0.42
C THR A 67 15.75 -0.48 1.41
N LYS A 68 15.44 0.72 0.92
CA LYS A 68 15.05 1.83 1.77
C LYS A 68 13.54 1.96 1.91
N LYS A 69 12.77 1.21 1.13
CA LYS A 69 11.33 1.03 1.26
C LYS A 69 10.48 2.18 0.74
N ILE A 70 10.89 3.42 0.97
CA ILE A 70 10.18 4.60 0.45
C ILE A 70 11.21 5.49 -0.24
N ALA A 71 10.99 5.74 -1.52
CA ALA A 71 11.78 6.71 -2.27
C ALA A 71 10.90 7.91 -2.58
N VAL A 72 11.34 9.10 -2.17
CA VAL A 72 10.61 10.33 -2.44
C VAL A 72 11.28 11.02 -3.62
N LEU A 73 10.59 11.06 -4.76
CA LEU A 73 11.09 11.77 -5.92
C LEU A 73 10.77 13.25 -5.76
N LYS A 74 11.79 14.10 -5.87
CA LYS A 74 11.63 15.53 -5.63
C LYS A 74 11.38 16.28 -6.94
N GLY A 75 10.64 17.38 -6.83
CA GLY A 75 10.46 18.29 -7.97
C GLY A 75 9.78 17.69 -9.18
N GLN A 76 8.72 16.91 -8.98
CA GLN A 76 7.98 16.33 -10.08
C GLN A 76 6.79 17.21 -10.37
N ASP A 77 6.70 17.71 -11.60
CA ASP A 77 5.61 18.57 -12.07
C ASP A 77 5.03 17.88 -13.28
N LEU A 78 4.06 16.99 -13.05
CA LEU A 78 3.61 16.04 -14.05
C LEU A 78 2.10 16.12 -14.26
N SER A 79 1.70 16.02 -15.51
CA SER A 79 0.30 15.80 -15.85
C SER A 79 -0.08 14.36 -15.49
N PRO A 80 -1.36 14.05 -15.46
CA PRO A 80 -1.76 12.65 -15.23
C PRO A 80 -1.12 11.69 -16.22
N GLN A 81 -1.03 12.09 -17.49
CA GLN A 81 -0.39 11.26 -18.49
C GLN A 81 1.10 11.07 -18.21
N GLN A 82 1.78 12.14 -17.78
CA GLN A 82 3.20 12.01 -17.45
C GLN A 82 3.42 11.15 -16.22
N PHE A 83 2.51 11.23 -15.24
CA PHE A 83 2.60 10.38 -14.07
C PHE A 83 2.50 8.90 -14.45
N LEU A 84 1.54 8.56 -15.31
CA LEU A 84 1.47 7.17 -15.79
C LEU A 84 2.75 6.76 -16.51
N ALA A 85 3.30 7.67 -17.33
CA ALA A 85 4.53 7.38 -18.04
C ALA A 85 5.66 7.09 -17.05
N LEU A 86 5.72 7.84 -15.96
CA LEU A 86 6.74 7.59 -14.94
C LEU A 86 6.55 6.19 -14.33
N GLY A 87 5.32 5.85 -13.97
CA GLY A 87 5.07 4.52 -13.44
C GLY A 87 5.47 3.41 -14.40
N LYS A 88 5.22 3.63 -15.70
CA LYS A 88 5.60 2.65 -16.72
C LYS A 88 7.11 2.43 -16.80
N ARG A 89 7.94 3.39 -16.37
CA ARG A 89 9.37 3.12 -16.30
C ARG A 89 9.71 2.08 -15.24
N LEU A 90 8.87 1.97 -14.21
CA LEU A 90 9.17 1.06 -13.10
C LEU A 90 8.50 -0.30 -13.21
N GLY A 91 7.38 -0.41 -13.94
CA GLY A 91 6.70 -1.68 -14.02
C GLY A 91 5.43 -1.55 -14.82
N ARG A 92 4.61 -2.60 -14.73
CA ARG A 92 3.38 -2.70 -15.52
C ARG A 92 2.20 -2.18 -14.71
N PRO A 93 1.59 -1.05 -15.06
CA PRO A 93 0.47 -0.53 -14.27
C PRO A 93 -0.74 -1.44 -14.31
N GLU A 94 -1.45 -1.50 -13.19
CA GLU A 94 -2.75 -2.16 -13.12
C GLU A 94 -3.79 -1.18 -12.63
N ALA A 95 -4.93 -1.15 -13.31
CA ALA A 95 -6.05 -0.29 -12.94
C ALA A 95 -6.83 -0.92 -11.80
N TYR A 96 -7.39 -0.05 -10.94
CA TYR A 96 -8.16 -0.52 -9.81
C TYR A 96 -9.45 -1.19 -10.27
N TYR A 97 -9.76 -2.34 -9.65
CA TYR A 97 -10.86 -3.18 -10.11
C TYR A 97 -12.24 -2.55 -9.94
N GLU A 98 -12.39 -1.52 -9.10
CA GLU A 98 -13.64 -0.79 -8.99
C GLU A 98 -13.49 0.54 -9.69
N PRO A 99 -14.17 0.77 -10.82
CA PRO A 99 -13.83 1.92 -11.66
C PRO A 99 -14.24 3.28 -11.12
N MET A 100 -15.07 3.36 -10.07
CA MET A 100 -15.37 4.67 -9.53
C MET A 100 -14.12 5.37 -9.00
N TYR A 101 -13.07 4.62 -8.70
CA TYR A 101 -11.82 5.22 -8.24
C TYR A 101 -10.96 5.78 -9.37
N GLN A 102 -11.30 5.50 -10.62
CA GLN A 102 -10.39 5.80 -11.72
C GLN A 102 -10.47 7.25 -12.16
N HIS A 103 -9.30 7.80 -12.50
CA HIS A 103 -9.23 9.15 -13.04
C HIS A 103 -10.01 9.21 -14.35
N PRO A 104 -10.73 10.30 -14.62
CA PRO A 104 -11.58 10.33 -15.81
C PRO A 104 -10.83 10.23 -17.13
N GLU A 105 -9.56 10.61 -17.16
CA GLU A 105 -8.78 10.56 -18.39
C GLU A 105 -7.84 9.37 -18.47
N VAL A 106 -7.48 8.78 -17.33
CA VAL A 106 -6.44 7.74 -17.26
C VAL A 106 -6.98 6.64 -16.36
N THR A 107 -7.43 5.53 -16.96
CA THR A 107 -8.01 4.45 -16.17
C THR A 107 -7.04 3.91 -15.13
N GLU A 108 -5.74 3.96 -15.42
CA GLU A 108 -4.75 3.36 -14.55
C GLU A 108 -4.43 4.20 -13.32
N ILE A 109 -4.94 5.42 -13.22
CA ILE A 109 -4.74 6.27 -12.05
C ILE A 109 -5.94 6.12 -11.11
N PHE A 110 -5.65 5.77 -9.87
CA PHE A 110 -6.61 5.70 -8.77
C PHE A 110 -6.59 7.05 -8.06
N VAL A 111 -7.77 7.62 -7.84
CA VAL A 111 -7.89 8.96 -7.31
C VAL A 111 -8.54 8.92 -5.93
N SER A 112 -7.81 9.42 -4.92
N SER A 112 -7.79 9.35 -4.92
CA SER A 112 -8.36 9.64 -3.59
CA SER A 112 -8.33 9.68 -3.62
C SER A 112 -8.57 11.15 -3.45
C SER A 112 -8.59 11.18 -3.64
N SER A 113 -9.82 11.58 -3.35
CA SER A 113 -10.13 13.01 -3.41
C SER A 113 -11.38 13.35 -2.63
N ASN A 114 -11.29 14.42 -1.82
CA ASN A 114 -12.49 15.03 -1.25
C ASN A 114 -12.59 16.50 -1.59
N VAL A 115 -12.07 16.90 -2.74
CA VAL A 115 -12.24 18.25 -3.28
C VAL A 115 -13.08 18.13 -4.54
N PRO A 116 -14.32 18.62 -4.54
CA PRO A 116 -15.12 18.56 -5.78
C PRO A 116 -14.45 19.34 -6.89
N GLU A 117 -14.64 18.85 -8.12
CA GLU A 117 -14.15 19.52 -9.32
C GLU A 117 -15.38 19.87 -10.15
N ASN A 118 -15.63 21.17 -10.32
CA ASN A 118 -16.87 21.66 -10.92
C ASN A 118 -18.10 21.12 -10.17
N GLY A 119 -17.95 20.95 -8.86
CA GLY A 119 -19.02 20.41 -8.03
C GLY A 119 -19.20 18.92 -8.08
N LYS A 120 -18.38 18.19 -8.85
CA LYS A 120 -18.54 16.76 -9.01
C LYS A 120 -17.48 16.01 -8.22
N GLN A 121 -17.86 14.84 -7.70
CA GLN A 121 -16.90 13.96 -7.01
C GLN A 121 -16.02 13.27 -8.05
N ILE A 122 -14.71 13.47 -7.94
CA ILE A 122 -13.72 12.75 -8.73
C ILE A 122 -13.10 11.71 -7.83
N GLY A 123 -12.96 10.48 -8.34
CA GLY A 123 -12.43 9.43 -7.48
C GLY A 123 -13.32 9.22 -6.27
N VAL A 124 -12.70 8.80 -5.16
CA VAL A 124 -13.42 8.43 -3.95
C VAL A 124 -12.82 9.21 -2.78
N PRO A 125 -13.63 9.73 -1.85
CA PRO A 125 -13.09 10.47 -0.71
C PRO A 125 -12.65 9.56 0.42
N LYS A 126 -11.68 10.05 1.20
CA LYS A 126 -11.33 9.46 2.49
C LYS A 126 -10.94 8.00 2.39
N THR A 127 -10.06 7.68 1.44
CA THR A 127 -9.66 6.29 1.25
C THR A 127 -8.54 5.91 2.22
N GLY A 128 -8.41 4.60 2.43
CA GLY A 128 -7.24 4.06 3.12
C GLY A 128 -7.12 4.42 4.58
N LYS A 129 -8.24 4.61 5.28
CA LYS A 129 -8.25 4.99 6.68
C LYS A 129 -8.15 3.78 7.61
N PHE A 130 -7.16 2.92 7.35
CA PHE A 130 -6.97 1.65 8.04
C PHE A 130 -5.64 1.09 7.58
N TRP A 131 -5.00 0.29 8.43
CA TRP A 131 -3.74 -0.33 8.04
C TRP A 131 -3.96 -1.35 6.92
N HIS A 132 -3.15 -1.27 5.86
CA HIS A 132 -3.29 -2.22 4.77
C HIS A 132 -2.03 -2.19 3.91
N ALA A 133 -1.84 -3.28 3.17
CA ALA A 133 -1.01 -3.23 1.97
C ALA A 133 -1.95 -3.19 0.77
N ASP A 134 -1.52 -2.50 -0.30
CA ASP A 134 -2.41 -2.35 -1.45
C ASP A 134 -2.62 -3.67 -2.16
N TYR A 135 -3.87 -3.96 -2.52
CA TYR A 135 -4.24 -5.20 -3.20
C TYR A 135 -3.96 -6.46 -2.38
N GLN A 136 -3.82 -6.33 -1.06
CA GLN A 136 -3.58 -7.50 -0.22
C GLN A 136 -4.76 -8.47 -0.23
N PHE A 137 -5.95 -8.00 -0.62
CA PHE A 137 -7.15 -8.81 -0.72
C PHE A 137 -7.35 -9.41 -2.10
N MET A 138 -6.37 -9.28 -3.02
CA MET A 138 -6.40 -9.81 -4.37
C MET A 138 -5.37 -10.92 -4.52
N PRO A 139 -5.58 -11.86 -5.45
CA PRO A 139 -4.65 -13.02 -5.53
C PRO A 139 -3.26 -12.67 -6.03
N ASP A 140 -3.07 -11.60 -6.80
CA ASP A 140 -1.80 -11.29 -7.46
C ASP A 140 -1.43 -9.83 -7.21
N PRO A 141 -1.05 -9.47 -5.98
CA PRO A 141 -0.79 -8.05 -5.70
C PRO A 141 0.48 -7.56 -6.38
N PHE A 142 0.48 -6.29 -6.76
CA PHE A 142 1.63 -5.65 -7.38
C PHE A 142 2.66 -5.24 -6.31
N GLY A 143 3.92 -5.14 -6.73
CA GLY A 143 5.00 -4.90 -5.80
C GLY A 143 5.33 -3.45 -5.46
N ILE A 144 4.89 -2.48 -6.26
CA ILE A 144 5.30 -1.09 -6.11
C ILE A 144 4.08 -0.18 -6.18
N THR A 145 3.94 0.70 -5.20
CA THR A 145 2.91 1.74 -5.19
C THR A 145 3.57 3.10 -5.40
N LEU A 146 2.96 3.92 -6.25
CA LEU A 146 3.38 5.30 -6.48
C LEU A 146 2.23 6.24 -6.10
N ILE A 147 2.53 7.23 -5.28
CA ILE A 147 1.55 8.25 -4.87
C ILE A 147 2.08 9.62 -5.27
N TYR A 148 1.26 10.39 -5.96
CA TYR A 148 1.60 11.75 -6.40
C TYR A 148 0.59 12.67 -5.75
N PRO A 149 0.91 13.25 -4.60
CA PRO A 149 -0.05 14.14 -3.92
C PRO A 149 -0.37 15.37 -4.77
N GLN A 150 -1.65 15.72 -4.81
CA GLN A 150 -2.11 16.90 -5.54
C GLN A 150 -2.49 18.02 -4.60
N VAL A 151 -3.33 17.73 -3.60
CA VAL A 151 -3.73 18.68 -2.58
C VAL A 151 -3.30 18.08 -1.25
N ILE A 152 -2.51 18.82 -0.50
CA ILE A 152 -1.84 18.35 0.69
C ILE A 152 -2.32 19.17 1.90
N PRO A 153 -2.84 18.54 2.95
CA PRO A 153 -3.19 19.30 4.17
C PRO A 153 -2.00 20.10 4.68
N GLU A 154 -2.25 21.34 5.11
CA GLU A 154 -1.15 22.14 5.65
C GLU A 154 -0.62 21.54 6.94
N LYS A 155 -1.52 21.22 7.88
CA LYS A 155 -1.10 20.75 9.19
C LYS A 155 -1.05 19.23 9.27
N ASN A 156 -2.15 18.56 8.95
CA ASN A 156 -2.29 17.13 9.22
C ASN A 156 -1.96 16.29 7.99
N ARG A 157 -0.77 16.49 7.45
CA ARG A 157 -0.39 15.80 6.23
C ARG A 157 0.45 14.57 6.54
N GLY A 158 0.45 13.64 5.59
CA GLY A 158 1.34 12.50 5.61
C GLY A 158 0.58 11.19 5.63
N THR A 159 1.35 10.12 5.45
CA THR A 159 0.86 8.76 5.52
C THR A 159 1.73 7.98 6.50
N TYR A 160 1.09 7.17 7.33
CA TYR A 160 1.82 6.31 8.26
C TYR A 160 2.22 5.00 7.60
N PHE A 161 3.37 4.48 8.00
CA PHE A 161 3.93 3.26 7.43
C PHE A 161 4.49 2.38 8.55
N ILE A 162 4.39 1.07 8.36
CA ILE A 162 5.15 0.09 9.14
C ILE A 162 5.84 -0.87 8.16
N ASP A 163 7.14 -1.07 8.35
CA ASP A 163 7.89 -2.07 7.60
C ASP A 163 7.68 -3.42 8.29
N MET A 164 6.94 -4.30 7.62
CA MET A 164 6.53 -5.58 8.20
C MET A 164 7.60 -6.66 8.13
N GLY A 165 8.71 -6.43 7.42
CA GLY A 165 9.86 -7.30 7.56
C GLY A 165 10.61 -6.95 8.82
N ARG A 166 10.87 -5.65 9.02
CA ARG A 166 11.46 -5.21 10.27
C ARG A 166 10.58 -5.57 11.46
N ALA A 167 9.27 -5.42 11.32
CA ALA A 167 8.36 -5.77 12.41
C ALA A 167 8.41 -7.27 12.71
N TYR A 168 8.48 -8.11 11.68
CA TYR A 168 8.65 -9.54 11.92
C TYR A 168 9.92 -9.80 12.71
N ASP A 169 11.03 -9.18 12.30
N ASP A 169 11.04 -9.20 12.30
CA ASP A 169 12.31 -9.44 12.94
CA ASP A 169 12.31 -9.45 12.96
C ASP A 169 12.31 -9.04 14.41
C ASP A 169 12.24 -9.11 14.45
N ARG A 170 11.51 -8.05 14.79
CA ARG A 170 11.39 -7.58 16.16
C ARG A 170 10.40 -8.37 17.02
N LEU A 171 9.64 -9.30 16.44
CA LEU A 171 8.72 -10.09 17.26
C LEU A 171 9.52 -10.97 18.23
N PRO A 172 8.95 -11.27 19.39
CA PRO A 172 9.60 -12.26 20.27
C PRO A 172 9.73 -13.58 19.54
N GLU A 173 10.77 -14.34 19.90
CA GLU A 173 11.06 -15.60 19.21
C GLU A 173 9.87 -16.56 19.25
N ASP A 174 9.18 -16.64 20.39
CA ASP A 174 8.06 -17.57 20.47
C ASP A 174 6.91 -17.17 19.56
N LEU A 175 6.71 -15.87 19.35
CA LEU A 175 5.67 -15.42 18.43
C LEU A 175 6.02 -15.73 16.98
N LYS A 176 7.29 -15.57 16.61
CA LYS A 176 7.75 -16.08 15.32
C LYS A 176 7.43 -17.57 15.18
N LYS A 177 7.70 -18.34 16.23
CA LYS A 177 7.42 -19.77 16.17
C LYS A 177 5.93 -20.04 16.01
N GLU A 178 5.09 -19.29 16.73
CA GLU A 178 3.66 -19.55 16.69
C GLU A 178 3.07 -19.33 15.29
N ILE A 179 3.64 -18.40 14.51
CA ILE A 179 3.12 -18.17 13.16
C ILE A 179 3.82 -19.00 12.10
N SER A 180 4.90 -19.69 12.45
N SER A 180 4.91 -19.68 12.44
CA SER A 180 5.57 -20.57 11.52
CA SER A 180 5.59 -20.49 11.43
C SER A 180 4.59 -21.62 11.01
C SER A 180 4.69 -21.64 11.00
N GLY A 181 4.54 -21.78 9.69
CA GLY A 181 3.65 -22.76 9.09
C GLY A 181 2.22 -22.30 8.85
N THR A 182 1.83 -21.13 9.35
CA THR A 182 0.45 -20.69 9.25
C THR A 182 0.17 -19.95 7.94
N TYR A 183 -1.12 -19.77 7.66
CA TYR A 183 -1.60 -19.03 6.50
C TYR A 183 -2.63 -18.02 6.96
N CYS A 184 -2.75 -16.92 6.22
CA CYS A 184 -3.72 -15.89 6.54
C CYS A 184 -4.69 -15.71 5.40
N ARG A 185 -5.88 -15.23 5.75
N ARG A 185 -5.92 -15.30 5.74
CA ARG A 185 -6.97 -14.98 4.81
CA ARG A 185 -6.94 -14.99 4.75
C ARG A 185 -7.20 -13.47 4.77
C ARG A 185 -7.16 -13.48 4.76
N HIS A 186 -7.23 -12.90 3.58
CA HIS A 186 -7.35 -11.45 3.40
C HIS A 186 -8.56 -11.13 2.55
N SER A 187 -9.31 -10.10 2.96
CA SER A 187 -10.55 -9.74 2.29
C SER A 187 -10.78 -8.24 2.38
N VAL A 188 -11.40 -7.69 1.34
CA VAL A 188 -11.82 -6.28 1.32
C VAL A 188 -13.18 -6.07 1.98
N ARG A 189 -13.79 -7.10 2.56
CA ARG A 189 -15.21 -7.03 2.92
C ARG A 189 -15.53 -5.93 3.94
N LYS A 190 -14.58 -5.55 4.80
CA LYS A 190 -14.90 -4.52 5.78
C LYS A 190 -14.88 -3.11 5.18
N TYR A 191 -14.02 -2.88 4.19
CA TYR A 191 -13.75 -1.53 3.72
C TYR A 191 -14.20 -1.28 2.29
N PHE A 192 -14.89 -2.24 1.67
CA PHE A 192 -15.54 -1.98 0.39
C PHE A 192 -16.46 -0.77 0.52
N LYS A 193 -16.32 0.18 -0.39
CA LYS A 193 -17.05 1.44 -0.30
C LYS A 193 -18.30 1.40 -1.18
N ILE A 194 -19.42 1.84 -0.62
CA ILE A 194 -20.67 1.88 -1.38
C ILE A 194 -20.52 2.79 -2.59
N ARG A 195 -21.03 2.35 -3.72
CA ARG A 195 -20.95 3.07 -4.98
C ARG A 195 -22.28 3.73 -5.29
N PRO A 196 -22.29 4.76 -6.15
CA PRO A 196 -23.58 5.36 -6.55
C PRO A 196 -24.60 4.35 -7.04
N HIS A 197 -24.13 3.34 -7.79
N HIS A 197 -24.20 3.35 -7.82
CA HIS A 197 -24.97 2.30 -8.34
CA HIS A 197 -25.23 2.43 -8.31
C HIS A 197 -25.70 1.50 -7.27
C HIS A 197 -25.74 1.45 -7.25
N ASP A 198 -25.15 1.45 -6.05
CA ASP A 198 -25.66 0.57 -5.00
C ASP A 198 -26.89 1.12 -4.30
N VAL A 199 -27.23 2.41 -4.49
CA VAL A 199 -28.36 2.99 -3.77
C VAL A 199 -29.63 2.22 -4.07
N TYR A 200 -30.41 1.96 -3.01
CA TYR A 200 -31.66 1.20 -2.98
C TYR A 200 -31.49 -0.32 -3.05
N ARG A 201 -30.25 -0.83 -3.17
CA ARG A 201 -30.06 -2.27 -3.13
C ARG A 201 -30.13 -2.78 -1.69
N PRO A 202 -30.63 -4.00 -1.47
CA PRO A 202 -30.50 -4.60 -0.14
C PRO A 202 -29.05 -4.91 0.17
N ILE A 203 -28.65 -4.62 1.40
CA ILE A 203 -27.23 -4.72 1.74
C ILE A 203 -26.71 -6.15 1.59
N SER A 204 -27.55 -7.16 1.83
CA SER A 204 -27.09 -8.55 1.71
C SER A 204 -26.65 -8.86 0.29
N GLU A 205 -27.31 -8.28 -0.72
CA GLU A 205 -26.91 -8.54 -2.10
C GLU A 205 -25.54 -7.94 -2.39
N ILE A 206 -25.22 -6.79 -1.80
CA ILE A 206 -23.89 -6.21 -1.96
C ILE A 206 -22.83 -7.04 -1.26
N ILE A 207 -23.12 -7.45 -0.02
CA ILE A 207 -22.20 -8.32 0.72
C ILE A 207 -21.87 -9.56 -0.10
N GLU A 208 -22.89 -10.20 -0.67
N GLU A 208 -22.89 -10.19 -0.67
CA GLU A 208 -22.63 -11.41 -1.45
CA GLU A 208 -22.69 -11.39 -1.48
C GLU A 208 -21.88 -11.11 -2.74
C GLU A 208 -21.86 -11.09 -2.72
N GLU A 209 -22.15 -9.95 -3.35
CA GLU A 209 -21.43 -9.58 -4.57
C GLU A 209 -19.95 -9.37 -4.29
N VAL A 210 -19.63 -8.80 -3.13
CA VAL A 210 -18.23 -8.63 -2.76
C VAL A 210 -17.55 -9.99 -2.59
N GLU A 211 -18.22 -10.93 -1.92
CA GLU A 211 -17.63 -12.26 -1.76
C GLU A 211 -17.43 -12.95 -3.10
N ARG A 212 -18.28 -12.67 -4.08
CA ARG A 212 -18.15 -13.32 -5.39
C ARG A 212 -17.06 -12.66 -6.23
N LYS A 213 -17.04 -11.32 -6.27
CA LYS A 213 -16.13 -10.60 -7.13
C LYS A 213 -14.71 -10.62 -6.59
N THR A 214 -14.56 -10.52 -5.28
CA THR A 214 -13.26 -10.48 -4.60
C THR A 214 -13.31 -11.46 -3.43
N PRO A 215 -13.29 -12.75 -3.69
CA PRO A 215 -13.29 -13.72 -2.60
C PRO A 215 -12.05 -13.53 -1.75
N ALA A 216 -12.15 -13.90 -0.47
CA ALA A 216 -10.98 -13.85 0.40
C ALA A 216 -9.85 -14.69 -0.19
N VAL A 217 -8.61 -14.19 -0.02
N VAL A 217 -8.62 -14.18 -0.07
CA VAL A 217 -7.41 -14.77 -0.60
CA VAL A 217 -7.45 -14.87 -0.61
C VAL A 217 -6.53 -15.32 0.51
C VAL A 217 -6.61 -15.39 0.55
N VAL A 218 -6.07 -16.55 0.35
N VAL A 218 -6.04 -16.57 0.37
CA VAL A 218 -5.17 -17.17 1.31
CA VAL A 218 -5.17 -17.17 1.37
C VAL A 218 -3.73 -16.95 0.86
C VAL A 218 -3.72 -17.04 0.91
N GLN A 219 -2.87 -16.59 1.82
CA GLN A 219 -1.44 -16.42 1.58
C GLN A 219 -0.70 -17.02 2.76
N PRO A 220 0.55 -17.47 2.57
CA PRO A 220 1.38 -17.78 3.75
C PRO A 220 1.46 -16.55 4.65
N THR A 221 1.43 -16.79 5.96
CA THR A 221 1.47 -15.66 6.90
C THR A 221 2.74 -14.85 6.72
N THR A 222 3.87 -15.53 6.49
CA THR A 222 5.12 -14.89 6.15
C THR A 222 5.58 -15.38 4.80
N PHE A 223 6.30 -14.52 4.09
CA PHE A 223 6.93 -14.91 2.82
C PHE A 223 8.30 -14.27 2.71
N THR A 224 9.10 -14.82 1.82
CA THR A 224 10.44 -14.31 1.53
C THR A 224 10.37 -13.26 0.43
N HIS A 225 10.85 -12.06 0.70
CA HIS A 225 10.87 -10.98 -0.26
C HIS A 225 11.76 -11.39 -1.45
N PRO A 226 11.23 -11.40 -2.68
CA PRO A 226 12.07 -11.83 -3.82
C PRO A 226 13.28 -10.96 -4.06
N MET A 227 13.23 -9.68 -3.69
CA MET A 227 14.34 -8.77 -4.01
C MET A 227 15.38 -8.68 -2.92
N THR A 228 14.99 -8.87 -1.66
CA THR A 228 15.91 -8.70 -0.54
C THR A 228 16.18 -9.97 0.26
N GLY A 229 15.35 -11.00 0.13
CA GLY A 229 15.45 -12.17 0.97
C GLY A 229 14.89 -12.05 2.37
N GLU A 230 14.36 -10.88 2.74
CA GLU A 230 13.79 -10.68 4.06
C GLU A 230 12.52 -11.49 4.25
N THR A 231 12.29 -11.96 5.47
CA THR A 231 11.00 -12.54 5.84
C THR A 231 10.03 -11.40 6.17
N VAL A 232 8.90 -11.37 5.48
CA VAL A 232 7.88 -10.33 5.65
C VAL A 232 6.67 -10.96 6.33
N LEU A 233 6.17 -10.30 7.38
CA LEU A 233 4.90 -10.67 8.01
C LEU A 233 3.79 -9.98 7.24
N TYR A 234 3.06 -10.74 6.41
CA TYR A 234 2.13 -10.15 5.46
C TYR A 234 0.72 -10.18 6.05
N ILE A 235 0.47 -9.26 6.98
CA ILE A 235 -0.84 -9.08 7.59
C ILE A 235 -1.11 -7.60 7.74
N SER A 236 -2.40 -7.24 7.76
CA SER A 236 -2.81 -5.89 8.09
C SER A 236 -4.12 -5.92 8.85
N GLU A 237 -4.30 -4.95 9.74
CA GLU A 237 -5.54 -4.90 10.51
C GLU A 237 -6.74 -4.71 9.58
N GLY A 238 -6.56 -3.97 8.48
CA GLY A 238 -7.69 -3.64 7.63
C GLY A 238 -8.16 -4.79 6.76
N PHE A 239 -7.23 -5.60 6.24
CA PHE A 239 -7.62 -6.64 5.30
C PHE A 239 -7.44 -8.06 5.81
N THR A 240 -6.64 -8.30 6.84
CA THR A 240 -6.40 -9.69 7.28
C THR A 240 -7.50 -10.12 8.22
N VAL A 241 -8.34 -11.06 7.79
CA VAL A 241 -9.56 -11.42 8.51
C VAL A 241 -9.46 -12.74 9.24
N GLY A 242 -8.44 -13.55 8.96
CA GLY A 242 -8.32 -14.81 9.67
C GLY A 242 -6.94 -15.39 9.49
N ILE A 243 -6.60 -16.27 10.41
CA ILE A 243 -5.35 -17.02 10.38
C ILE A 243 -5.68 -18.49 10.58
N GLU A 244 -4.96 -19.37 9.88
CA GLU A 244 -5.28 -20.79 9.87
C GLU A 244 -3.99 -21.59 9.92
N ASP A 245 -4.09 -22.82 10.42
CA ASP A 245 -2.90 -23.63 10.67
C ASP A 245 -2.35 -24.21 9.38
N GLN A 246 -1.22 -24.91 9.50
CA GLN A 246 -0.55 -25.53 8.36
C GLN A 246 -1.41 -26.55 7.62
N ASP A 247 -2.57 -26.92 8.18
CA ASP A 247 -3.46 -27.87 7.54
C ASP A 247 -4.80 -27.25 7.12
N GLY A 248 -4.94 -25.93 7.22
CA GLY A 248 -6.14 -25.25 6.77
C GLY A 248 -7.20 -25.03 7.82
N LYS A 249 -6.97 -25.42 9.08
CA LYS A 249 -8.05 -25.22 10.03
C LYS A 249 -7.92 -23.85 10.70
N PRO A 250 -9.02 -23.13 10.85
CA PRO A 250 -8.95 -21.79 11.44
C PRO A 250 -8.37 -21.80 12.85
N LEU A 251 -7.48 -20.86 13.10
CA LEU A 251 -6.97 -20.59 14.44
C LEU A 251 -7.75 -19.42 15.04
N ASP A 252 -7.71 -19.33 16.37
CA ASP A 252 -8.43 -18.26 17.04
C ASP A 252 -7.84 -16.90 16.65
N GLU A 253 -8.73 -15.95 16.36
CA GLU A 253 -8.27 -14.64 15.91
C GLU A 253 -7.54 -13.87 17.00
N GLU A 254 -7.55 -14.36 18.25
CA GLU A 254 -6.69 -13.77 19.28
C GLU A 254 -5.24 -13.74 18.83
N LEU A 255 -4.81 -14.70 18.01
CA LEU A 255 -3.45 -14.69 17.49
C LEU A 255 -3.21 -13.49 16.59
N LEU A 256 -4.15 -13.22 15.68
CA LEU A 256 -4.04 -12.03 14.83
C LEU A 256 -4.00 -10.76 15.67
N LYS A 257 -4.86 -10.68 16.70
CA LYS A 257 -4.86 -9.49 17.55
C LYS A 257 -3.51 -9.31 18.24
N ARG A 258 -2.91 -10.41 18.70
CA ARG A 258 -1.59 -10.31 19.33
C ARG A 258 -0.51 -9.88 18.33
N LEU A 259 -0.65 -10.31 17.06
CA LEU A 259 0.28 -9.87 16.03
C LEU A 259 0.08 -8.40 15.67
N PHE A 260 -1.19 -7.97 15.53
CA PHE A 260 -1.46 -6.55 15.31
C PHE A 260 -0.90 -5.72 16.47
N ASP A 261 -1.11 -6.20 17.70
CA ASP A 261 -0.62 -5.46 18.86
C ASP A 261 0.89 -5.34 18.84
N ALA A 262 1.60 -6.47 18.66
CA ALA A 262 3.05 -6.48 18.70
C ALA A 262 3.67 -5.62 17.60
N THR A 263 3.04 -5.54 16.44
CA THR A 263 3.63 -4.82 15.31
C THR A 263 3.25 -3.35 15.26
N GLY A 264 2.40 -2.88 16.20
CA GLY A 264 2.07 -1.47 16.30
C GLY A 264 0.78 -1.06 15.65
N GLN A 265 0.01 -2.02 15.11
CA GLN A 265 -1.16 -1.66 14.33
C GLN A 265 -2.38 -1.33 15.17
N LEU A 266 -2.34 -1.56 16.49
CA LEU A 266 -3.45 -1.21 17.36
C LEU A 266 -3.18 0.07 18.14
N ASP A 267 -2.04 0.72 17.92
CA ASP A 267 -1.69 1.92 18.69
C ASP A 267 -2.31 3.14 18.03
N GLU A 268 -3.43 3.62 18.59
CA GLU A 268 -4.12 4.79 18.04
C GLU A 268 -3.40 6.10 18.31
N SER A 269 -2.37 6.10 19.14
CA SER A 269 -1.53 7.28 19.31
C SER A 269 -0.45 7.39 18.25
N PHE A 270 -0.23 6.33 17.47
CA PHE A 270 0.78 6.27 16.43
C PHE A 270 2.20 6.52 16.94
N GLU A 271 2.47 6.25 18.22
CA GLU A 271 3.78 6.48 18.80
C GLU A 271 4.64 5.22 18.83
N HIS A 272 4.08 4.06 18.51
CA HIS A 272 4.82 2.81 18.52
C HIS A 272 6.10 2.90 17.71
N ASP A 273 7.14 2.21 18.18
CA ASP A 273 8.46 2.33 17.59
C ASP A 273 8.49 1.91 16.12
N ASN A 274 7.60 1.00 15.71
CA ASN A 274 7.59 0.53 14.33
C ASN A 274 7.01 1.56 13.36
N ILE A 275 6.31 2.57 13.84
CA ILE A 275 5.51 3.45 12.97
C ILE A 275 6.37 4.59 12.45
N HIS A 276 6.29 4.83 11.16
CA HIS A 276 6.97 5.93 10.50
C HIS A 276 5.93 6.84 9.86
N LEU A 277 5.98 8.13 10.18
CA LEU A 277 5.14 9.12 9.52
C LEU A 277 5.93 9.72 8.37
N GLN A 278 5.46 9.47 7.15
CA GLN A 278 6.09 10.01 5.95
C GLN A 278 5.35 11.29 5.57
N SER A 279 6.05 12.41 5.64
CA SER A 279 5.50 13.68 5.19
C SER A 279 5.96 13.95 3.76
N PHE A 280 5.43 15.02 3.18
CA PHE A 280 5.80 15.39 1.82
C PHE A 280 5.36 16.82 1.59
N GLU A 281 5.90 17.41 0.52
CA GLU A 281 5.58 18.75 0.10
C GLU A 281 5.21 18.69 -1.38
N GLN A 282 4.66 19.80 -1.88
CA GLN A 282 4.24 19.85 -3.28
C GLN A 282 5.42 19.54 -4.20
N GLY A 283 5.15 18.70 -5.21
CA GLY A 283 6.18 18.24 -6.11
C GLY A 283 6.79 16.91 -5.72
N ASP A 284 6.59 16.46 -4.48
CA ASP A 284 7.06 15.15 -4.08
C ASP A 284 6.21 14.07 -4.71
N LEU A 285 6.82 12.91 -4.94
CA LEU A 285 6.14 11.74 -5.47
C LEU A 285 6.72 10.55 -4.73
N LEU A 286 5.88 9.84 -3.98
CA LEU A 286 6.31 8.73 -3.13
C LEU A 286 6.25 7.45 -3.93
N VAL A 287 7.30 6.64 -3.87
CA VAL A 287 7.31 5.33 -4.50
C VAL A 287 7.75 4.34 -3.43
N TRP A 288 6.95 3.31 -3.17
CA TRP A 288 7.27 2.45 -2.04
C TRP A 288 7.07 0.97 -2.32
N ASP A 289 7.69 0.19 -1.45
CA ASP A 289 7.72 -1.28 -1.50
C ASP A 289 6.40 -1.79 -0.91
N ASN A 290 5.51 -2.25 -1.78
CA ASN A 290 4.20 -2.75 -1.41
C ASN A 290 4.22 -4.24 -1.05
N ARG A 291 5.40 -4.86 -1.02
CA ARG A 291 5.56 -6.16 -0.36
C ARG A 291 5.80 -5.96 1.14
N SER A 292 6.77 -5.10 1.47
CA SER A 292 7.25 -4.97 2.84
C SER A 292 6.37 -4.08 3.70
N LEU A 293 5.79 -3.03 3.13
CA LEU A 293 5.15 -2.01 3.94
C LEU A 293 3.64 -2.19 4.02
N ILE A 294 3.10 -1.81 5.17
CA ILE A 294 1.69 -1.47 5.30
C ILE A 294 1.63 0.02 5.59
N HIS A 295 0.46 0.62 5.29
CA HIS A 295 0.31 2.06 5.43
C HIS A 295 -1.13 2.38 5.82
N ARG A 296 -1.33 3.62 6.24
N ARG A 296 -1.34 3.61 6.30
CA ARG A 296 -2.60 4.10 6.76
CA ARG A 296 -2.69 4.04 6.68
C ARG A 296 -2.66 5.61 6.62
C ARG A 296 -2.72 5.55 6.83
N ALA A 297 -3.87 6.13 6.47
CA ALA A 297 -4.06 7.56 6.56
C ALA A 297 -4.04 8.02 8.03
N ARG A 298 -3.78 9.31 8.23
CA ARG A 298 -3.87 9.85 9.57
C ARG A 298 -5.32 9.95 10.04
N HIS A 299 -5.49 10.08 11.35
CA HIS A 299 -6.79 10.46 11.89
C HIS A 299 -7.23 11.78 11.25
N THR A 300 -8.55 11.93 11.07
CA THR A 300 -9.12 13.15 10.51
C THR A 300 -9.30 14.18 11.62
N THR A 301 -8.17 14.67 12.13
CA THR A 301 -8.23 15.62 13.22
C THR A 301 -8.47 17.06 12.75
N THR A 302 -8.37 17.32 11.45
CA THR A 302 -8.64 18.62 10.85
C THR A 302 -9.57 18.45 9.67
N PRO A 303 -10.19 19.54 9.21
CA PRO A 303 -11.05 19.45 8.02
C PRO A 303 -10.31 19.65 6.72
N GLU A 304 -8.97 19.56 6.76
CA GLU A 304 -8.17 19.84 5.58
C GLU A 304 -8.35 18.75 4.52
N PRO A 305 -8.45 19.12 3.26
CA PRO A 305 -8.71 18.13 2.20
C PRO A 305 -7.45 17.41 1.74
N THR A 306 -7.68 16.27 1.11
CA THR A 306 -6.62 15.46 0.51
C THR A 306 -7.03 15.11 -0.91
N VAL A 307 -6.12 15.30 -1.86
CA VAL A 307 -6.26 14.75 -3.21
C VAL A 307 -4.92 14.12 -3.58
N SER A 308 -4.96 12.84 -3.95
N SER A 308 -4.96 12.85 -3.96
CA SER A 308 -3.76 12.14 -4.39
CA SER A 308 -3.74 12.20 -4.42
C SER A 308 -4.10 11.29 -5.61
C SER A 308 -4.06 11.25 -5.56
N TYR A 309 -3.13 11.13 -6.49
CA TYR A 309 -3.22 10.22 -7.61
C TYR A 309 -2.28 9.05 -7.35
N ARG A 310 -2.73 7.84 -7.70
CA ARG A 310 -1.96 6.64 -7.41
C ARG A 310 -1.82 5.80 -8.67
N VAL A 311 -0.60 5.31 -8.92
CA VAL A 311 -0.32 4.32 -9.94
C VAL A 311 0.31 3.11 -9.24
N THR A 312 -0.09 1.91 -9.62
CA THR A 312 0.37 0.70 -8.96
C THR A 312 0.90 -0.26 -10.02
N VAL A 313 2.15 -0.68 -9.86
CA VAL A 313 2.83 -1.40 -10.94
C VAL A 313 3.37 -2.75 -10.48
N HIS A 314 3.29 -3.72 -11.38
CA HIS A 314 3.92 -5.02 -11.21
C HIS A 314 5.36 -4.92 -11.71
N ASP A 315 6.29 -5.39 -10.89
CA ASP A 315 7.70 -5.41 -11.28
C ASP A 315 8.03 -6.79 -11.86
N GLU A 316 9.31 -7.15 -11.87
CA GLU A 316 9.78 -8.35 -12.56
C GLU A 316 9.57 -9.65 -11.79
N ARG A 317 9.03 -9.58 -10.58
CA ARG A 317 8.73 -10.78 -9.81
C ARG A 317 7.30 -10.68 -9.27
N LYS A 318 6.69 -11.83 -9.03
CA LYS A 318 5.44 -11.84 -8.30
C LYS A 318 5.67 -11.37 -6.86
N LEU A 319 4.57 -11.08 -6.15
CA LEU A 319 4.71 -10.60 -4.78
C LEU A 319 5.61 -11.53 -3.97
N HIS A 320 5.37 -12.83 -4.08
CA HIS A 320 6.25 -13.83 -3.50
C HIS A 320 6.21 -15.05 -4.42
N ASP A 321 7.15 -15.97 -4.22
CA ASP A 321 7.35 -17.04 -5.19
C ASP A 321 6.21 -18.07 -5.21
N GLY A 322 5.37 -18.08 -4.19
CA GLY A 322 4.24 -19.00 -4.20
C GLY A 322 3.04 -18.55 -4.98
N ILE A 323 3.05 -17.33 -5.53
CA ILE A 323 1.90 -16.79 -6.24
C ILE A 323 1.64 -17.56 -7.52
#